data_4F43
#
_entry.id   4F43
#
_cell.length_a   118.123
_cell.length_b   121.258
_cell.length_c   58.124
_cell.angle_alpha   90.00
_cell.angle_beta   111.30
_cell.angle_gamma   90.00
#
_symmetry.space_group_name_H-M   'C 1 2 1'
#
loop_
_entity.id
_entity.type
_entity.pdbx_description
1 polymer Protelomerase
2 polymer 'DNA hairpin'
3 water water
#
loop_
_entity_poly.entity_id
_entity_poly.type
_entity_poly.pdbx_seq_one_letter_code
_entity_poly.pdbx_strand_id
1 'polypeptide(L)'
;DYPKTGVATSIVEKIERAEFNTAGRKPTVLLRIADFIAAMNGMDAKQDMQALWDAEIAIMNGRAQTTIISYITKYRNAIR
EAFGDDHPMLKIATGDAAMYDEARRVKMEKIANKHGALITFENYRQVLKICEDCLKSSDPLMIGIGLIGMTGRAPYEVFT
QAEFSPAPYGKGVSKWSILFNGQAKTKQGEGTKFGITYEIPVLTRSETVLAAYKRLRESGQGKLWHGMSIDDFSSETRLL
LRDTVFNLFEDVWPKEELPKPYGLRHLYAEVAYHNFAPPHVTKNSYFAAILGHNNNDLETSLSYMTYTLPEDRDNALARL
;
A
2 'polydeoxyribonucleotide'
;(DC)(DA)(DT)(DA)(DA)(DT)(DA)(DA)(DC)(DA)(DA)(DT)(DA)(DT)(DC)(DA)(DA)(DG)(DA)(DT)
(DA)(DT)(DT)(DG)(DT)(DT)(DA)(DT)(DT)(DA)(DT)(DG)
;
C
#
loop_
_chem_comp.id
_chem_comp.type
_chem_comp.name
_chem_comp.formula
DA DNA linking 2'-DEOXYADENOSINE-5'-MONOPHOSPHATE 'C10 H14 N5 O6 P'
DC DNA linking 2'-DEOXYCYTIDINE-5'-MONOPHOSPHATE 'C9 H14 N3 O7 P'
DG DNA linking 2'-DEOXYGUANOSINE-5'-MONOPHOSPHATE 'C10 H14 N5 O7 P'
DT DNA linking THYMIDINE-5'-MONOPHOSPHATE 'C10 H15 N2 O8 P'
#
# COMPACT_ATOMS: atom_id res chain seq x y z
N ASP A 1 -10.11 -4.05 -32.21
CA ASP A 1 -9.87 -3.04 -33.22
C ASP A 1 -11.09 -2.16 -33.45
N TYR A 2 -12.06 -2.23 -32.52
CA TYR A 2 -13.26 -1.41 -32.64
C TYR A 2 -12.95 0.10 -32.55
N PRO A 3 -12.14 0.52 -31.55
CA PRO A 3 -11.64 1.89 -31.66
C PRO A 3 -10.22 1.89 -32.21
N LYS A 4 -9.96 2.71 -33.23
CA LYS A 4 -8.63 2.80 -33.81
C LYS A 4 -7.91 4.05 -33.34
N THR A 5 -8.63 4.96 -32.70
CA THR A 5 -8.06 6.21 -32.22
C THR A 5 -8.32 6.39 -30.73
N GLY A 6 -7.38 7.04 -30.05
CA GLY A 6 -7.51 7.28 -28.63
C GLY A 6 -6.41 8.15 -28.05
N VAL A 7 -6.65 8.67 -26.86
CA VAL A 7 -5.66 9.52 -26.18
C VAL A 7 -5.65 9.28 -24.67
N ALA A 8 -4.48 8.96 -24.13
CA ALA A 8 -4.32 8.78 -22.69
C ALA A 8 -4.12 10.13 -22.03
N THR A 9 -5.22 10.75 -21.62
CA THR A 9 -5.20 12.13 -21.11
C THR A 9 -4.34 12.29 -19.86
N SER A 10 -4.21 11.22 -19.09
CA SER A 10 -3.42 11.25 -17.86
C SER A 10 -1.97 11.60 -18.16
N ILE A 11 -1.34 10.82 -19.02
CA ILE A 11 0.05 11.01 -19.41
C ILE A 11 0.25 12.40 -20.01
N VAL A 12 -0.63 12.76 -20.92
CA VAL A 12 -0.56 14.05 -21.61
C VAL A 12 -0.60 15.22 -20.63
N GLU A 13 -1.55 15.19 -19.71
CA GLU A 13 -1.65 16.23 -18.69
C GLU A 13 -0.42 16.24 -17.79
N LYS A 14 0.09 15.05 -17.47
CA LYS A 14 1.30 14.94 -16.65
C LYS A 14 2.52 15.51 -17.37
N ILE A 15 2.48 15.55 -18.70
CA ILE A 15 3.55 16.13 -19.49
C ILE A 15 3.39 17.65 -19.60
N GLU A 16 2.16 18.09 -19.85
CA GLU A 16 1.85 19.51 -19.94
C GLU A 16 2.17 20.22 -18.64
N ARG A 17 1.94 19.54 -17.52
CA ARG A 17 2.30 20.09 -16.21
C ARG A 17 3.81 20.18 -16.07
N ALA A 18 4.53 19.21 -16.62
CA ALA A 18 5.97 19.12 -16.45
C ALA A 18 6.74 19.89 -17.51
N GLU A 19 6.02 20.55 -18.41
CA GLU A 19 6.66 21.34 -19.47
C GLU A 19 7.44 22.50 -18.85
N PHE A 20 6.90 23.07 -17.77
CA PHE A 20 7.55 24.19 -17.10
C PHE A 20 7.85 23.89 -15.64
N ASN A 21 9.01 23.28 -15.41
CA ASN A 21 9.45 22.96 -14.04
C ASN A 21 10.81 23.56 -13.71
N THR A 22 11.01 23.87 -12.44
CA THR A 22 12.25 24.46 -11.97
C THR A 22 13.40 23.48 -12.07
N ALA A 23 13.16 22.24 -11.65
CA ALA A 23 14.19 21.22 -11.68
C ALA A 23 13.58 19.83 -11.85
N GLY A 24 14.42 18.81 -11.84
CA GLY A 24 13.95 17.43 -11.89
C GLY A 24 14.28 16.68 -13.17
N ARG A 25 13.96 15.39 -13.18
CA ARG A 25 14.22 14.54 -14.33
C ARG A 25 13.30 14.87 -15.51
N LYS A 26 13.67 14.36 -16.67
CA LYS A 26 12.82 14.48 -17.85
C LYS A 26 11.94 13.24 -17.98
N PRO A 27 10.62 13.44 -18.11
CA PRO A 27 9.64 12.34 -18.17
C PRO A 27 9.79 11.48 -19.43
N THR A 28 10.93 10.80 -19.56
CA THR A 28 11.23 10.00 -20.75
C THR A 28 10.24 8.85 -20.96
N VAL A 29 9.92 8.14 -19.87
CA VAL A 29 9.01 7.01 -19.95
C VAL A 29 7.60 7.45 -20.35
N LEU A 30 7.12 8.50 -19.72
CA LEU A 30 5.82 9.07 -20.06
C LEU A 30 5.79 9.49 -21.53
N LEU A 31 6.91 10.01 -22.02
CA LEU A 31 7.04 10.38 -23.42
C LEU A 31 6.96 9.16 -24.34
N ARG A 32 7.63 8.08 -23.95
CA ARG A 32 7.60 6.85 -24.74
C ARG A 32 6.20 6.26 -24.79
N ILE A 33 5.48 6.35 -23.67
CA ILE A 33 4.10 5.88 -23.61
C ILE A 33 3.20 6.74 -24.48
N ALA A 34 3.41 8.06 -24.44
CA ALA A 34 2.64 9.00 -25.24
C ALA A 34 2.84 8.73 -26.73
N ASP A 35 4.09 8.55 -27.13
CA ASP A 35 4.42 8.26 -28.52
C ASP A 35 3.90 6.89 -28.93
N PHE A 36 3.81 5.99 -27.95
CA PHE A 36 3.28 4.65 -28.17
C PHE A 36 1.80 4.74 -28.54
N ILE A 37 1.02 5.38 -27.66
CA ILE A 37 -0.40 5.58 -27.89
C ILE A 37 -0.63 6.37 -29.18
N ALA A 38 0.27 7.30 -29.46
CA ALA A 38 0.20 8.11 -30.68
C ALA A 38 0.35 7.23 -31.92
N ALA A 39 1.35 6.36 -31.91
CA ALA A 39 1.62 5.47 -33.04
C ALA A 39 0.52 4.43 -33.20
N MET A 40 -0.13 4.08 -32.09
CA MET A 40 -1.22 3.11 -32.12
C MET A 40 -2.45 3.62 -32.88
N ASN A 41 -2.56 4.94 -33.01
CA ASN A 41 -3.72 5.54 -33.66
C ASN A 41 -3.83 5.20 -35.15
N GLY A 42 -4.89 4.48 -35.51
CA GLY A 42 -5.17 4.18 -36.90
C GLY A 42 -4.76 2.77 -37.33
N MET A 43 -4.06 2.07 -36.45
CA MET A 43 -3.61 0.71 -36.75
C MET A 43 -4.77 -0.29 -36.82
N ASP A 44 -4.75 -1.13 -37.85
CA ASP A 44 -5.74 -2.18 -38.01
C ASP A 44 -5.08 -3.54 -38.18
N ALA A 45 -3.78 -3.52 -38.46
CA ALA A 45 -3.00 -4.75 -38.58
C ALA A 45 -2.28 -5.06 -37.28
N LYS A 46 -2.22 -6.34 -36.92
CA LYS A 46 -1.69 -6.75 -35.62
C LYS A 46 -0.19 -7.05 -35.66
N GLN A 47 0.34 -7.24 -36.87
CA GLN A 47 1.78 -7.48 -37.03
C GLN A 47 2.56 -6.23 -36.68
N ASP A 48 2.02 -5.07 -37.04
CA ASP A 48 2.65 -3.80 -36.74
C ASP A 48 2.49 -3.44 -35.28
N MET A 49 1.37 -3.86 -34.68
CA MET A 49 1.18 -3.73 -33.25
C MET A 49 2.28 -4.52 -32.55
N GLN A 50 2.45 -5.76 -33.00
CA GLN A 50 3.46 -6.65 -32.43
C GLN A 50 4.86 -6.08 -32.59
N ALA A 51 5.12 -5.44 -33.73
CA ALA A 51 6.42 -4.84 -33.97
C ALA A 51 6.65 -3.65 -33.04
N LEU A 52 5.63 -2.81 -32.90
CA LEU A 52 5.68 -1.65 -32.02
C LEU A 52 5.98 -2.08 -30.60
N TRP A 53 5.25 -3.09 -30.13
CA TRP A 53 5.45 -3.60 -28.78
C TRP A 53 6.79 -4.30 -28.60
N ASP A 54 7.28 -4.90 -29.68
CA ASP A 54 8.59 -5.55 -29.65
C ASP A 54 9.71 -4.53 -29.50
N ALA A 55 9.58 -3.41 -30.21
CA ALA A 55 10.54 -2.32 -30.09
C ALA A 55 10.46 -1.70 -28.70
N GLU A 56 9.25 -1.40 -28.26
CA GLU A 56 9.02 -0.78 -26.95
C GLU A 56 9.57 -1.65 -25.82
N ILE A 57 9.41 -2.96 -25.95
CA ILE A 57 9.97 -3.91 -25.01
C ILE A 57 11.49 -3.92 -25.11
N ALA A 58 12.00 -3.86 -26.33
CA ALA A 58 13.43 -3.85 -26.58
C ALA A 58 14.10 -2.64 -25.93
N ILE A 59 13.33 -1.56 -25.76
CA ILE A 59 13.85 -0.36 -25.08
C ILE A 59 14.29 -0.67 -23.65
N MET A 60 13.32 -0.87 -22.76
CA MET A 60 13.60 -1.15 -21.35
C MET A 60 14.21 -2.54 -21.16
N ASN A 61 15.43 -2.73 -21.64
CA ASN A 61 16.05 -4.05 -21.66
C ASN A 61 16.99 -4.30 -20.47
N GLY A 62 17.91 -3.37 -20.23
CA GLY A 62 18.89 -3.53 -19.17
C GLY A 62 18.41 -3.00 -17.84
N ARG A 63 17.19 -3.36 -17.47
CA ARG A 63 16.59 -2.87 -16.22
C ARG A 63 16.17 -4.00 -15.30
N ALA A 64 15.52 -3.63 -14.20
CA ALA A 64 15.04 -4.61 -13.23
C ALA A 64 13.72 -5.20 -13.68
N GLN A 65 13.48 -6.45 -13.33
CA GLN A 65 12.27 -7.15 -13.73
C GLN A 65 11.02 -6.54 -13.12
N THR A 66 11.12 -6.14 -11.86
CA THR A 66 10.02 -5.47 -11.18
C THR A 66 9.68 -4.16 -11.90
N THR A 67 10.71 -3.42 -12.26
CA THR A 67 10.55 -2.16 -12.99
C THR A 67 9.86 -2.40 -14.33
N ILE A 68 10.31 -3.43 -15.04
CA ILE A 68 9.74 -3.80 -16.33
C ILE A 68 8.26 -4.14 -16.19
N ILE A 69 7.94 -4.93 -15.18
CA ILE A 69 6.56 -5.34 -14.92
C ILE A 69 5.67 -4.12 -14.61
N SER A 70 6.16 -3.24 -13.74
CA SER A 70 5.44 -2.03 -13.39
C SER A 70 5.19 -1.15 -14.61
N TYR A 71 6.22 -0.99 -15.44
CA TYR A 71 6.11 -0.21 -16.66
C TYR A 71 5.11 -0.82 -17.63
N ILE A 72 5.08 -2.15 -17.68
CA ILE A 72 4.11 -2.86 -18.50
C ILE A 72 2.70 -2.56 -18.00
N THR A 73 2.54 -2.51 -16.67
CA THR A 73 1.28 -2.10 -16.08
C THR A 73 0.90 -0.69 -16.54
N LYS A 74 1.89 0.21 -16.56
CA LYS A 74 1.68 1.58 -17.04
C LYS A 74 1.17 1.61 -18.48
N TYR A 75 1.89 0.93 -19.37
CA TYR A 75 1.50 0.84 -20.78
C TYR A 75 0.08 0.31 -20.93
N ARG A 76 -0.20 -0.81 -20.27
CA ARG A 76 -1.51 -1.45 -20.36
C ARG A 76 -2.64 -0.54 -19.88
N ASN A 77 -2.42 0.14 -18.75
CA ASN A 77 -3.39 1.10 -18.25
C ASN A 77 -3.61 2.25 -19.22
N ALA A 78 -2.52 2.70 -19.84
CA ALA A 78 -2.60 3.76 -20.85
C ALA A 78 -3.45 3.32 -22.04
N ILE A 79 -3.26 2.06 -22.46
CA ILE A 79 -4.02 1.51 -23.56
C ILE A 79 -5.51 1.41 -23.19
N ARG A 80 -5.78 0.93 -21.98
CA ARG A 80 -7.15 0.83 -21.50
C ARG A 80 -7.82 2.19 -21.45
N GLU A 81 -7.06 3.21 -21.08
CA GLU A 81 -7.59 4.56 -20.99
C GLU A 81 -7.85 5.16 -22.37
N ALA A 82 -6.93 4.92 -23.30
CA ALA A 82 -7.01 5.53 -24.62
C ALA A 82 -8.04 4.87 -25.53
N PHE A 83 -7.99 3.54 -25.63
CA PHE A 83 -8.83 2.82 -26.57
C PHE A 83 -9.97 2.07 -25.89
N GLY A 84 -9.63 1.14 -25.00
CA GLY A 84 -10.64 0.39 -24.28
C GLY A 84 -10.17 -1.00 -23.85
N ASP A 85 -11.11 -1.77 -23.32
CA ASP A 85 -10.81 -3.12 -22.84
C ASP A 85 -11.03 -4.17 -23.92
N ASP A 86 -11.16 -3.71 -25.16
CA ASP A 86 -11.47 -4.61 -26.27
C ASP A 86 -10.36 -4.63 -27.32
N HIS A 87 -9.35 -3.80 -27.12
CA HIS A 87 -8.27 -3.66 -28.09
C HIS A 87 -7.34 -4.87 -28.07
N PRO A 88 -6.98 -5.39 -29.25
CA PRO A 88 -6.11 -6.56 -29.40
C PRO A 88 -4.71 -6.35 -28.82
N MET A 89 -4.30 -5.09 -28.69
CA MET A 89 -2.98 -4.76 -28.17
C MET A 89 -2.83 -5.23 -26.73
N LEU A 90 -3.96 -5.33 -26.03
CA LEU A 90 -3.97 -5.81 -24.66
C LEU A 90 -3.55 -7.27 -24.58
N LYS A 91 -3.71 -7.99 -25.68
CA LYS A 91 -3.29 -9.39 -25.75
C LYS A 91 -1.87 -9.46 -26.27
N ILE A 92 -1.39 -8.34 -26.80
CA ILE A 92 -0.03 -8.25 -27.33
C ILE A 92 0.88 -7.57 -26.31
N ALA A 93 0.44 -6.44 -25.77
CA ALA A 93 1.23 -5.69 -24.80
C ALA A 93 1.15 -6.31 -23.42
N THR A 94 1.79 -7.47 -23.26
CA THR A 94 1.86 -8.13 -21.96
C THR A 94 3.25 -8.72 -21.75
N GLY A 95 3.56 -9.04 -20.50
CA GLY A 95 4.87 -9.57 -20.16
C GLY A 95 5.03 -11.02 -20.52
N ASP A 96 6.29 -11.43 -20.70
CA ASP A 96 6.62 -12.84 -20.93
C ASP A 96 6.16 -13.67 -19.74
N ALA A 97 5.47 -14.77 -20.01
CA ALA A 97 4.87 -15.59 -18.97
C ALA A 97 5.89 -16.18 -18.01
N ALA A 98 7.13 -16.32 -18.45
CA ALA A 98 8.19 -16.87 -17.62
C ALA A 98 8.79 -15.82 -16.69
N MET A 99 8.40 -14.57 -16.91
CA MET A 99 8.87 -13.46 -16.08
C MET A 99 8.03 -13.37 -14.79
N TYR A 100 6.72 -13.47 -14.96
CA TYR A 100 5.78 -13.42 -13.84
C TYR A 100 5.98 -14.59 -12.88
N ASP A 101 6.32 -15.75 -13.44
CA ASP A 101 6.57 -16.94 -12.63
C ASP A 101 7.83 -16.80 -11.81
N GLU A 102 8.87 -16.23 -12.41
CA GLU A 102 10.11 -15.94 -11.70
C GLU A 102 9.85 -14.93 -10.60
N ALA A 103 9.00 -13.94 -10.90
CA ALA A 103 8.61 -12.93 -9.92
C ALA A 103 7.93 -13.56 -8.71
N ARG A 104 6.93 -14.39 -8.98
CA ARG A 104 6.20 -15.10 -7.92
C ARG A 104 7.13 -15.96 -7.08
N ARG A 105 7.96 -16.74 -7.77
CA ARG A 105 8.96 -17.59 -7.12
C ARG A 105 9.83 -16.80 -6.16
N VAL A 106 10.42 -15.71 -6.66
CA VAL A 106 11.28 -14.86 -5.85
C VAL A 106 10.52 -14.29 -4.64
N LYS A 107 9.28 -13.87 -4.88
CA LYS A 107 8.44 -13.32 -3.82
CA LYS A 107 8.44 -13.32 -3.82
C LYS A 107 8.23 -14.32 -2.68
N MET A 108 7.63 -15.45 -3.00
CA MET A 108 7.35 -16.49 -2.00
CA MET A 108 7.34 -16.46 -1.98
C MET A 108 8.63 -17.00 -1.35
N GLU A 109 9.73 -16.94 -2.10
CA GLU A 109 11.03 -17.31 -1.56
C GLU A 109 11.43 -16.33 -0.47
N LYS A 110 11.27 -15.04 -0.76
CA LYS A 110 11.57 -13.99 0.21
C LYS A 110 10.74 -14.15 1.47
N ILE A 111 9.44 -14.36 1.27
CA ILE A 111 8.54 -14.59 2.41
C ILE A 111 9.00 -15.79 3.24
N ALA A 112 9.39 -16.86 2.55
CA ALA A 112 9.88 -18.07 3.21
C ALA A 112 11.12 -17.78 4.05
N ASN A 113 12.04 -17.00 3.49
CA ASN A 113 13.24 -16.61 4.23
C ASN A 113 12.91 -15.77 5.45
N LYS A 114 11.93 -14.88 5.31
CA LYS A 114 11.52 -14.02 6.41
C LYS A 114 10.83 -14.80 7.52
N HIS A 115 10.17 -15.89 7.15
CA HIS A 115 9.46 -16.70 8.12
C HIS A 115 10.39 -17.59 8.96
N GLY A 116 11.59 -17.83 8.45
CA GLY A 116 12.56 -18.65 9.15
C GLY A 116 13.55 -17.83 9.95
N ALA A 117 13.40 -16.51 9.90
CA ALA A 117 14.29 -15.61 10.61
C ALA A 117 13.55 -14.36 11.05
N LEU A 118 12.71 -14.50 12.07
CA LEU A 118 11.92 -13.40 12.60
C LEU A 118 12.78 -12.35 13.30
N ILE A 119 12.35 -11.10 13.21
CA ILE A 119 13.07 -9.99 13.83
C ILE A 119 12.47 -9.65 15.19
N THR A 120 13.33 -9.56 16.19
CA THR A 120 12.88 -9.28 17.55
C THR A 120 12.64 -7.78 17.77
N PHE A 121 11.38 -7.40 17.81
CA PHE A 121 10.99 -6.00 18.00
C PHE A 121 11.02 -5.65 19.49
N GLU A 122 12.23 -5.47 20.02
CA GLU A 122 12.43 -5.30 21.45
C GLU A 122 11.82 -4.02 22.03
N ASN A 123 12.04 -2.89 21.35
CA ASN A 123 11.56 -1.61 21.85
C ASN A 123 10.24 -1.17 21.21
N TYR A 124 9.34 -2.12 21.01
CA TYR A 124 8.07 -1.84 20.32
C TYR A 124 7.11 -1.00 21.16
N ARG A 125 7.16 -1.18 22.48
CA ARG A 125 6.32 -0.41 23.39
C ARG A 125 6.63 1.08 23.28
N GLN A 126 7.91 1.39 23.12
CA GLN A 126 8.35 2.76 22.97
C GLN A 126 7.82 3.36 21.68
N VAL A 127 7.82 2.56 20.62
CA VAL A 127 7.29 2.99 19.32
C VAL A 127 5.79 3.27 19.41
N LEU A 128 5.07 2.35 20.04
CA LEU A 128 3.63 2.51 20.26
C LEU A 128 3.35 3.79 21.04
N LYS A 129 4.15 4.03 22.06
CA LYS A 129 4.03 5.24 22.85
C LYS A 129 4.29 6.49 22.00
N ILE A 130 5.27 6.40 21.12
CA ILE A 130 5.61 7.50 20.22
C ILE A 130 4.43 7.82 19.31
N CYS A 131 3.82 6.79 18.73
CA CYS A 131 2.63 6.99 17.90
C CYS A 131 1.49 7.62 18.70
N GLU A 132 1.27 7.09 19.90
CA GLU A 132 0.24 7.60 20.80
C GLU A 132 0.46 9.07 21.12
N ASP A 133 1.72 9.47 21.17
CA ASP A 133 2.08 10.87 21.42
C ASP A 133 1.87 11.70 20.17
N CYS A 134 2.11 11.10 19.01
N CYS A 134 2.11 11.11 19.01
CA CYS A 134 1.88 11.77 17.73
CA CYS A 134 1.88 11.77 17.73
C CYS A 134 0.39 11.98 17.49
C CYS A 134 0.38 12.01 17.52
N LEU A 135 -0.43 11.20 18.19
CA LEU A 135 -1.88 11.35 18.11
C LEU A 135 -2.36 12.68 18.69
N LYS A 136 -1.53 13.30 19.54
CA LYS A 136 -1.90 14.55 20.20
C LYS A 136 -1.15 15.75 19.63
N SER A 137 -0.39 15.52 18.57
CA SER A 137 0.34 16.61 17.92
C SER A 137 -0.60 17.49 17.10
N SER A 138 -0.11 18.65 16.68
N SER A 138 -0.10 18.65 16.69
CA SER A 138 -0.91 19.57 15.88
CA SER A 138 -0.90 19.57 15.89
C SER A 138 -0.49 19.54 14.42
C SER A 138 -0.50 19.52 14.42
N ASP A 139 0.61 18.84 14.14
CA ASP A 139 1.08 18.67 12.78
C ASP A 139 0.40 17.45 12.16
N PRO A 140 -0.44 17.68 11.13
CA PRO A 140 -1.26 16.65 10.49
C PRO A 140 -0.46 15.43 10.04
N LEU A 141 0.79 15.65 9.64
CA LEU A 141 1.69 14.56 9.26
C LEU A 141 1.93 13.63 10.43
N MET A 142 2.28 14.22 11.57
CA MET A 142 2.53 13.46 12.79
C MET A 142 1.29 12.68 13.23
N ILE A 143 0.15 13.35 13.22
CA ILE A 143 -1.13 12.72 13.53
C ILE A 143 -1.36 11.53 12.60
N GLY A 144 -0.98 11.71 11.34
CA GLY A 144 -1.09 10.64 10.36
C GLY A 144 -0.22 9.44 10.72
N ILE A 145 1.04 9.71 11.07
CA ILE A 145 1.96 8.66 11.49
C ILE A 145 1.43 7.89 12.69
N GLY A 146 1.03 8.63 13.72
CA GLY A 146 0.47 8.03 14.92
C GLY A 146 -0.77 7.21 14.62
N LEU A 147 -1.56 7.68 13.66
CA LEU A 147 -2.77 6.97 13.24
C LEU A 147 -2.40 5.66 12.57
N ILE A 148 -1.34 5.69 11.76
CA ILE A 148 -0.84 4.48 11.13
C ILE A 148 -0.38 3.48 12.20
N GLY A 149 0.30 3.99 13.21
CA GLY A 149 0.81 3.15 14.28
C GLY A 149 -0.29 2.55 15.16
N MET A 150 -1.37 3.30 15.33
CA MET A 150 -2.43 2.90 16.24
C MET A 150 -3.54 2.08 15.59
N THR A 151 -4.12 2.58 14.51
CA THR A 151 -5.22 1.90 13.86
C THR A 151 -4.75 0.90 12.79
N GLY A 152 -3.52 1.06 12.35
CA GLY A 152 -2.90 0.09 11.46
C GLY A 152 -3.26 0.19 9.99
N ARG A 153 -3.98 1.24 9.62
CA ARG A 153 -4.33 1.45 8.21
C ARG A 153 -3.11 1.92 7.41
N ALA A 154 -3.15 1.70 6.11
CA ALA A 154 -2.07 2.09 5.22
C ALA A 154 -2.02 3.61 5.06
N PRO A 155 -0.83 4.16 4.77
CA PRO A 155 -0.64 5.60 4.56
C PRO A 155 -1.63 6.21 3.57
N TYR A 156 -1.90 5.52 2.47
CA TYR A 156 -2.85 6.01 1.48
C TYR A 156 -4.25 6.09 2.10
N GLU A 157 -4.65 5.00 2.76
CA GLU A 157 -5.94 4.95 3.43
C GLU A 157 -6.05 6.05 4.50
N VAL A 158 -5.05 6.11 5.36
CA VAL A 158 -5.02 7.08 6.46
C VAL A 158 -5.10 8.53 5.98
N PHE A 159 -4.19 8.90 5.11
CA PHE A 159 -4.07 10.30 4.67
C PHE A 159 -5.15 10.72 3.67
N THR A 160 -5.66 9.79 2.87
CA THR A 160 -6.52 10.18 1.75
C THR A 160 -7.99 9.77 1.82
N GLN A 161 -8.28 8.60 2.41
CA GLN A 161 -9.64 8.06 2.28
C GLN A 161 -10.13 7.18 3.43
N ALA A 162 -9.70 7.47 4.66
CA ALA A 162 -10.16 6.73 5.82
C ALA A 162 -11.42 7.37 6.42
N GLU A 163 -12.32 6.52 6.91
CA GLU A 163 -13.53 7.00 7.59
C GLU A 163 -13.74 6.23 8.89
N PHE A 164 -13.07 6.69 9.95
CA PHE A 164 -13.18 6.03 11.24
C PHE A 164 -14.43 6.47 12.00
N SER A 165 -15.17 5.52 12.53
CA SER A 165 -16.42 5.79 13.23
C SER A 165 -16.56 4.90 14.47
N PRO A 166 -17.30 5.37 15.48
CA PRO A 166 -17.44 4.64 16.75
C PRO A 166 -18.07 3.26 16.60
N ALA A 167 -17.46 2.27 17.24
CA ALA A 167 -17.95 0.90 17.21
C ALA A 167 -18.66 0.56 18.51
N PRO A 168 -19.91 0.11 18.42
CA PRO A 168 -20.75 -0.22 19.60
C PRO A 168 -20.34 -1.51 20.29
N TYR A 169 -20.28 -1.48 21.61
CA TYR A 169 -20.11 -2.70 22.40
C TYR A 169 -21.43 -2.98 23.10
N GLY A 170 -22.33 -3.66 22.40
CA GLY A 170 -23.67 -3.90 22.91
C GLY A 170 -24.51 -2.64 22.90
N LYS A 171 -24.14 -1.68 23.74
CA LYS A 171 -24.81 -0.39 23.78
C LYS A 171 -23.83 0.76 23.53
N GLY A 172 -22.99 1.02 24.53
CA GLY A 172 -22.02 2.09 24.44
C GLY A 172 -20.91 1.81 23.45
N VAL A 173 -19.99 2.77 23.31
CA VAL A 173 -18.87 2.63 22.39
C VAL A 173 -17.90 1.56 22.88
N SER A 174 -17.07 1.08 21.96
CA SER A 174 -16.01 0.13 22.31
C SER A 174 -14.73 0.90 22.62
N LYS A 175 -14.05 0.49 23.68
CA LYS A 175 -12.84 1.18 24.11
C LYS A 175 -11.64 0.84 23.23
N TRP A 176 -11.60 -0.39 22.75
CA TRP A 176 -10.44 -0.87 21.99
C TRP A 176 -10.77 -1.36 20.59
N SER A 177 -11.71 -0.70 19.93
CA SER A 177 -12.05 -1.01 18.53
C SER A 177 -12.86 0.11 17.89
N ILE A 178 -12.64 0.32 16.60
CA ILE A 178 -13.38 1.32 15.82
C ILE A 178 -13.85 0.72 14.50
N LEU A 179 -14.53 1.53 13.69
CA LEU A 179 -14.96 1.10 12.36
C LEU A 179 -14.10 1.78 11.30
N PHE A 180 -14.04 1.18 10.11
CA PHE A 180 -13.16 1.66 9.06
C PHE A 180 -13.74 1.58 7.66
N ASN A 181 -13.40 2.55 6.82
CA ASN A 181 -13.82 2.60 5.43
C ASN A 181 -13.05 3.70 4.69
N GLY A 182 -12.50 3.37 3.52
CA GLY A 182 -12.59 2.05 2.94
C GLY A 182 -11.22 1.50 2.56
N GLN A 183 -11.18 0.19 2.32
CA GLN A 183 -9.94 -0.50 2.01
C GLN A 183 -9.36 -0.06 0.67
N ALA A 184 -8.04 -0.18 0.52
CA ALA A 184 -7.37 0.09 -0.74
C ALA A 184 -6.90 -1.21 -1.38
N LYS A 185 -6.45 -1.11 -2.63
CA LYS A 185 -5.91 -2.24 -3.39
C LYS A 185 -6.94 -3.36 -3.60
N THR A 186 -8.22 -3.06 -3.43
CA THR A 186 -9.26 -4.08 -3.55
C THR A 186 -9.56 -4.41 -5.01
N LYS A 187 -9.37 -3.43 -5.88
CA LYS A 187 -9.69 -3.57 -7.30
C LYS A 187 -11.15 -3.96 -7.54
N GLN A 188 -12.00 -3.60 -6.58
CA GLN A 188 -13.44 -3.85 -6.65
C GLN A 188 -13.79 -5.31 -6.89
N GLY A 189 -13.19 -6.20 -6.10
CA GLY A 189 -13.45 -7.62 -6.22
C GLY A 189 -14.78 -8.01 -5.63
N GLU A 190 -15.22 -9.24 -5.92
CA GLU A 190 -16.48 -9.75 -5.39
C GLU A 190 -16.43 -9.91 -3.88
N GLY A 191 -15.33 -10.46 -3.38
CA GLY A 191 -15.19 -10.71 -1.95
C GLY A 191 -14.10 -9.89 -1.28
N THR A 192 -13.98 -8.63 -1.70
CA THR A 192 -13.01 -7.73 -1.10
C THR A 192 -13.72 -6.70 -0.22
N LYS A 193 -12.93 -5.87 0.46
CA LYS A 193 -13.48 -4.88 1.38
C LYS A 193 -13.79 -3.56 0.69
N PHE A 194 -14.14 -3.62 -0.60
CA PHE A 194 -14.49 -2.43 -1.35
C PHE A 194 -15.85 -1.88 -0.94
N GLY A 195 -15.86 -0.69 -0.36
CA GLY A 195 -17.08 -0.08 0.12
C GLY A 195 -17.66 -0.83 1.30
N ILE A 196 -16.79 -1.49 2.06
CA ILE A 196 -17.21 -2.30 3.20
C ILE A 196 -16.75 -1.68 4.51
N THR A 197 -17.70 -1.35 5.37
CA THR A 197 -17.40 -0.84 6.70
C THR A 197 -17.30 -1.98 7.70
N TYR A 198 -16.09 -2.28 8.13
CA TYR A 198 -15.88 -3.39 9.07
C TYR A 198 -15.13 -2.96 10.32
N GLU A 199 -15.23 -3.77 11.37
CA GLU A 199 -14.68 -3.43 12.68
C GLU A 199 -13.23 -3.84 12.81
N ILE A 200 -12.40 -2.92 13.31
CA ILE A 200 -10.98 -3.17 13.51
C ILE A 200 -10.55 -2.80 14.93
N PRO A 201 -9.55 -3.51 15.46
CA PRO A 201 -9.03 -3.19 16.80
C PRO A 201 -8.11 -1.97 16.76
N VAL A 202 -7.96 -1.31 17.90
CA VAL A 202 -7.04 -0.18 18.04
C VAL A 202 -6.15 -0.37 19.26
N LEU A 203 -4.99 0.26 19.24
CA LEU A 203 -3.98 0.04 20.28
C LEU A 203 -4.00 1.13 21.35
N THR A 204 -5.00 2.00 21.28
CA THR A 204 -5.26 2.97 22.34
C THR A 204 -6.75 3.26 22.35
N ARG A 205 -7.25 3.93 23.37
CA ARG A 205 -8.69 4.16 23.51
C ARG A 205 -9.30 4.88 22.30
N SER A 206 -10.48 4.42 21.90
CA SER A 206 -11.12 4.85 20.66
C SER A 206 -11.38 6.35 20.58
N GLU A 207 -11.66 6.97 21.72
CA GLU A 207 -11.93 8.41 21.77
C GLU A 207 -10.74 9.22 21.30
N THR A 208 -9.54 8.78 21.69
CA THR A 208 -8.32 9.47 21.33
C THR A 208 -8.06 9.40 19.82
N VAL A 209 -8.19 8.20 19.27
CA VAL A 209 -8.02 8.00 17.83
C VAL A 209 -9.04 8.80 17.03
N LEU A 210 -10.31 8.74 17.46
CA LEU A 210 -11.39 9.46 16.81
C LEU A 210 -11.14 10.97 16.85
N ALA A 211 -10.66 11.46 17.99
CA ALA A 211 -10.34 12.87 18.13
C ALA A 211 -9.22 13.28 17.19
N ALA A 212 -8.13 12.51 17.20
CA ALA A 212 -6.97 12.80 16.37
C ALA A 212 -7.31 12.78 14.89
N TYR A 213 -8.19 11.86 14.50
CA TYR A 213 -8.64 11.76 13.12
C TYR A 213 -9.53 12.95 12.76
N LYS A 214 -10.41 13.32 13.68
CA LYS A 214 -11.31 14.45 13.46
C LYS A 214 -10.51 15.74 13.30
N ARG A 215 -9.39 15.82 14.00
CA ARG A 215 -8.49 16.96 13.86
C ARG A 215 -7.72 16.89 12.54
N LEU A 216 -7.32 15.67 12.17
CA LEU A 216 -6.58 15.43 10.94
C LEU A 216 -7.36 15.87 9.71
N ARG A 217 -8.64 15.52 9.69
CA ARG A 217 -9.48 15.80 8.52
C ARG A 217 -9.79 17.28 8.30
N GLU A 218 -10.02 18.01 9.39
CA GLU A 218 -10.44 19.40 9.29
C GLU A 218 -9.29 20.39 9.13
N SER A 219 -8.07 19.86 9.03
CA SER A 219 -6.90 20.69 8.79
C SER A 219 -6.81 21.06 7.31
N GLY A 220 -5.95 22.03 7.00
CA GLY A 220 -5.76 22.47 5.63
C GLY A 220 -5.12 21.41 4.76
N GLN A 221 -3.98 20.91 5.20
CA GLN A 221 -3.28 19.84 4.50
C GLN A 221 -4.14 18.59 4.44
N GLY A 222 -5.01 18.43 5.44
CA GLY A 222 -5.95 17.34 5.47
C GLY A 222 -6.96 17.42 4.35
N LYS A 223 -7.47 18.64 4.10
CA LYS A 223 -8.39 18.87 3.01
C LYS A 223 -7.66 18.74 1.67
N LEU A 224 -6.38 19.09 1.67
CA LEU A 224 -5.55 18.97 0.49
C LEU A 224 -5.27 17.49 0.18
N TRP A 225 -5.34 16.65 1.20
CA TRP A 225 -5.06 15.23 1.07
C TRP A 225 -6.29 14.40 0.71
N HIS A 226 -7.46 14.87 1.11
CA HIS A 226 -8.69 14.11 0.93
C HIS A 226 -9.09 13.94 -0.54
N GLY A 227 -9.30 12.70 -0.96
CA GLY A 227 -9.74 12.40 -2.30
C GLY A 227 -8.60 12.39 -3.32
N MET A 228 -7.38 12.51 -2.82
CA MET A 228 -6.20 12.56 -3.68
C MET A 228 -5.94 11.23 -4.36
N SER A 229 -5.27 11.28 -5.51
CA SER A 229 -4.87 10.07 -6.21
C SER A 229 -3.54 9.58 -5.65
N ILE A 230 -3.17 8.35 -5.99
CA ILE A 230 -1.97 7.73 -5.43
C ILE A 230 -0.69 8.44 -5.88
N ASP A 231 -0.66 8.88 -7.14
CA ASP A 231 0.51 9.58 -7.66
C ASP A 231 0.64 10.96 -7.03
N ASP A 232 -0.49 11.65 -6.91
CA ASP A 232 -0.54 12.95 -6.25
C ASP A 232 -0.05 12.83 -4.81
N PHE A 233 -0.59 11.85 -4.09
CA PHE A 233 -0.19 11.60 -2.71
C PHE A 233 1.30 11.30 -2.61
N SER A 234 1.80 10.52 -3.57
CA SER A 234 3.21 10.17 -3.61
C SER A 234 4.07 11.43 -3.75
N SER A 235 3.88 12.15 -4.84
CA SER A 235 4.68 13.36 -5.11
C SER A 235 4.53 14.42 -4.02
N GLU A 236 3.38 14.42 -3.34
CA GLU A 236 3.10 15.41 -2.31
C GLU A 236 3.76 15.08 -0.96
N THR A 237 3.70 13.81 -0.57
CA THR A 237 4.01 13.45 0.82
C THR A 237 5.11 12.41 1.00
N ARG A 238 5.29 11.53 0.01
CA ARG A 238 6.15 10.34 0.16
C ARG A 238 7.50 10.55 0.85
N LEU A 239 8.32 11.44 0.30
CA LEU A 239 9.66 11.68 0.83
C LEU A 239 9.65 12.32 2.21
N LEU A 240 8.72 13.24 2.45
CA LEU A 240 8.60 13.90 3.74
C LEU A 240 8.21 12.90 4.83
N LEU A 241 7.22 12.07 4.53
CA LEU A 241 6.77 11.01 5.42
C LEU A 241 7.92 10.06 5.70
N ARG A 242 8.64 9.72 4.63
CA ARG A 242 9.78 8.80 4.72
C ARG A 242 10.86 9.32 5.65
N ASP A 243 11.23 10.58 5.51
CA ASP A 243 12.29 11.16 6.35
C ASP A 243 11.83 11.45 7.78
N THR A 244 10.54 11.74 7.95
CA THR A 244 9.99 11.93 9.28
C THR A 244 10.00 10.61 10.05
N VAL A 245 9.65 9.52 9.35
CA VAL A 245 9.74 8.19 9.94
C VAL A 245 11.21 7.83 10.20
N PHE A 246 12.06 8.25 9.28
CA PHE A 246 13.51 8.07 9.42
C PHE A 246 14.00 8.65 10.73
N ASN A 247 13.59 9.90 11.00
CA ASN A 247 14.07 10.63 12.18
C ASN A 247 13.40 10.24 13.49
N LEU A 248 12.11 9.89 13.43
CA LEU A 248 11.36 9.55 14.62
C LEU A 248 11.92 8.35 15.37
N PHE A 249 11.65 7.15 14.86
CA PHE A 249 12.08 5.92 15.52
C PHE A 249 13.52 5.58 15.16
N GLU A 250 14.41 6.55 15.34
CA GLU A 250 15.81 6.40 14.95
C GLU A 250 16.56 5.33 15.75
N ASP A 251 16.54 5.45 17.07
CA ASP A 251 17.32 4.57 17.92
C ASP A 251 16.49 3.57 18.71
N VAL A 252 15.22 3.43 18.35
CA VAL A 252 14.35 2.48 19.04
C VAL A 252 13.89 1.36 18.11
N TRP A 253 14.16 1.51 16.82
CA TRP A 253 13.78 0.52 15.82
C TRP A 253 14.86 -0.56 15.77
N PRO A 254 14.45 -1.83 15.56
CA PRO A 254 15.36 -2.97 15.42
C PRO A 254 16.53 -2.68 14.49
N LYS A 255 17.73 -3.09 14.93
CA LYS A 255 18.96 -2.80 14.19
C LYS A 255 19.05 -3.52 12.86
N GLU A 256 18.20 -4.52 12.66
CA GLU A 256 18.24 -5.34 11.46
C GLU A 256 17.70 -4.62 10.23
N GLU A 257 17.07 -3.47 10.43
CA GLU A 257 16.47 -2.72 9.33
C GLU A 257 16.32 -1.24 9.65
N LEU A 258 15.68 -0.52 8.73
CA LEU A 258 15.42 0.90 8.89
C LEU A 258 13.92 1.14 9.05
N PRO A 259 13.56 2.19 9.81
CA PRO A 259 12.15 2.55 10.04
C PRO A 259 11.42 2.92 8.74
N LYS A 260 10.36 2.17 8.45
CA LYS A 260 9.51 2.46 7.30
C LYS A 260 8.04 2.48 7.74
N PRO A 261 7.24 3.38 7.15
CA PRO A 261 5.83 3.59 7.50
C PRO A 261 4.98 2.32 7.50
N TYR A 262 5.35 1.34 6.67
CA TYR A 262 4.54 0.13 6.55
C TYR A 262 4.86 -0.89 7.65
N GLY A 263 5.98 -0.72 8.31
CA GLY A 263 6.35 -1.58 9.42
C GLY A 263 5.38 -1.44 10.59
N LEU A 264 4.77 -0.26 10.69
CA LEU A 264 3.80 0.01 11.74
C LEU A 264 2.54 -0.83 11.56
N ARG A 265 2.26 -1.22 10.32
CA ARG A 265 1.11 -2.06 10.01
C ARG A 265 1.39 -3.50 10.45
N HIS A 266 2.61 -3.97 10.18
CA HIS A 266 3.06 -5.27 10.64
C HIS A 266 3.01 -5.36 12.16
N LEU A 267 3.60 -4.35 12.80
CA LEU A 267 3.63 -4.28 14.26
C LEU A 267 2.22 -4.20 14.83
N TYR A 268 1.35 -3.48 14.13
CA TYR A 268 -0.06 -3.39 14.50
C TYR A 268 -0.68 -4.78 14.50
N ALA A 269 -0.44 -5.54 13.43
CA ALA A 269 -0.92 -6.91 13.32
C ALA A 269 -0.44 -7.78 14.47
N GLU A 270 0.88 -7.80 14.66
CA GLU A 270 1.50 -8.62 15.70
C GLU A 270 0.97 -8.31 17.09
N VAL A 271 0.93 -7.02 17.43
CA VAL A 271 0.49 -6.59 18.75
C VAL A 271 -1.00 -6.85 18.99
N ALA A 272 -1.83 -6.47 18.03
CA ALA A 272 -3.28 -6.67 18.18
C ALA A 272 -3.64 -8.16 18.22
N TYR A 273 -2.85 -8.98 17.55
CA TYR A 273 -3.01 -10.42 17.70
C TYR A 273 -2.58 -10.84 19.10
N HIS A 274 -1.50 -10.24 19.58
CA HIS A 274 -0.96 -10.57 20.90
C HIS A 274 -1.92 -10.20 22.02
N ASN A 275 -2.80 -9.23 21.76
CA ASN A 275 -3.70 -8.74 22.80
C ASN A 275 -5.17 -9.17 22.68
N PHE A 276 -5.71 -9.14 21.47
CA PHE A 276 -7.16 -9.27 21.29
C PHE A 276 -7.63 -10.57 20.67
N ALA A 277 -6.70 -11.38 20.18
CA ALA A 277 -7.06 -12.58 19.41
C ALA A 277 -7.82 -13.63 20.23
N PRO A 278 -9.02 -14.00 19.76
CA PRO A 278 -9.85 -15.07 20.32
C PRO A 278 -9.13 -16.42 20.29
N PRO A 279 -9.58 -17.38 21.11
CA PRO A 279 -8.88 -18.67 21.22
C PRO A 279 -9.21 -19.64 20.09
N HIS A 280 -10.27 -19.38 19.33
CA HIS A 280 -10.72 -20.33 18.31
C HIS A 280 -10.34 -19.92 16.89
N VAL A 281 -9.36 -19.03 16.77
CA VAL A 281 -8.90 -18.58 15.45
C VAL A 281 -7.39 -18.69 15.32
N THR A 282 -6.91 -18.83 14.09
CA THR A 282 -5.47 -18.89 13.83
C THR A 282 -4.92 -17.51 13.57
N LYS A 283 -3.60 -17.41 13.47
CA LYS A 283 -2.94 -16.13 13.24
C LYS A 283 -3.29 -15.57 11.86
N ASN A 284 -3.25 -16.45 10.86
CA ASN A 284 -3.58 -16.06 9.50
C ASN A 284 -5.00 -15.53 9.37
N SER A 285 -5.92 -16.17 10.09
CA SER A 285 -7.33 -15.80 10.03
CA SER A 285 -7.34 -15.81 10.05
C SER A 285 -7.56 -14.42 10.66
N TYR A 286 -6.96 -14.20 11.82
CA TYR A 286 -7.10 -12.93 12.52
C TYR A 286 -6.46 -11.81 11.71
N PHE A 287 -5.29 -12.10 11.15
CA PHE A 287 -4.59 -11.15 10.28
C PHE A 287 -5.47 -10.76 9.10
N ALA A 288 -6.02 -11.77 8.42
CA ALA A 288 -6.89 -11.53 7.28
C ALA A 288 -8.14 -10.74 7.68
N ALA A 289 -8.61 -10.96 8.90
CA ALA A 289 -9.81 -10.30 9.39
C ALA A 289 -9.58 -8.82 9.67
N ILE A 290 -8.50 -8.52 10.39
CA ILE A 290 -8.22 -7.16 10.81
C ILE A 290 -7.58 -6.30 9.72
N LEU A 291 -6.91 -6.95 8.77
CA LEU A 291 -6.26 -6.24 7.68
C LEU A 291 -7.19 -6.07 6.48
N GLY A 292 -8.31 -6.79 6.49
CA GLY A 292 -9.29 -6.70 5.43
C GLY A 292 -8.77 -7.23 4.09
N HIS A 293 -8.85 -8.54 3.92
CA HIS A 293 -8.36 -9.18 2.71
C HIS A 293 -9.48 -9.81 1.90
N ASN A 294 -9.12 -10.38 0.76
CA ASN A 294 -10.06 -11.10 -0.09
C ASN A 294 -10.71 -12.24 0.68
N ASN A 295 -11.94 -12.59 0.32
CA ASN A 295 -12.66 -13.69 0.96
C ASN A 295 -11.89 -15.00 0.88
N ASN A 296 -11.77 -15.68 2.02
CA ASN A 296 -11.09 -16.97 2.12
C ASN A 296 -9.62 -16.91 1.72
N ASP A 297 -9.01 -15.74 1.84
CA ASP A 297 -7.60 -15.57 1.55
C ASP A 297 -6.76 -15.52 2.83
N LEU A 298 -5.89 -16.51 2.99
CA LEU A 298 -5.07 -16.61 4.19
C LEU A 298 -3.58 -16.57 3.88
N GLU A 299 -3.23 -16.44 2.59
CA GLU A 299 -1.85 -16.47 2.14
CA GLU A 299 -1.83 -16.46 2.22
C GLU A 299 -1.24 -15.07 2.06
N THR A 300 -2.10 -14.06 1.97
CA THR A 300 -1.64 -12.68 1.91
C THR A 300 -1.09 -12.25 3.26
N SER A 301 -1.62 -12.85 4.32
CA SER A 301 -1.19 -12.56 5.68
C SER A 301 0.24 -13.02 5.95
N LEU A 302 0.72 -13.95 5.14
CA LEU A 302 2.08 -14.47 5.26
CA LEU A 302 2.08 -14.47 5.27
C LEU A 302 3.12 -13.37 5.10
N SER A 303 2.75 -12.32 4.38
CA SER A 303 3.65 -11.21 4.13
C SER A 303 3.71 -10.24 5.32
N TYR A 304 2.82 -10.42 6.28
CA TYR A 304 2.75 -9.50 7.42
C TYR A 304 3.39 -10.08 8.68
N MET A 305 3.96 -11.27 8.57
CA MET A 305 4.58 -11.92 9.72
C MET A 305 6.09 -11.94 9.59
N THR A 306 6.73 -10.93 10.14
CA THR A 306 8.18 -10.77 10.05
C THR A 306 8.80 -10.36 11.38
N TYR A 307 7.96 -9.98 12.33
CA TYR A 307 8.43 -9.56 13.65
C TYR A 307 8.11 -10.61 14.70
N THR A 308 8.86 -10.58 15.80
CA THR A 308 8.55 -11.41 16.96
C THR A 308 8.63 -10.58 18.24
N LEU A 309 7.59 -10.68 19.06
CA LEU A 309 7.51 -9.90 20.28
C LEU A 309 8.43 -10.43 21.37
N PRO A 310 9.09 -9.52 22.11
CA PRO A 310 10.09 -9.83 23.14
C PRO A 310 9.59 -10.82 24.18
N GLU A 311 8.34 -10.68 24.60
CA GLU A 311 7.77 -11.58 25.60
C GLU A 311 7.61 -13.00 25.05
N ASP A 312 7.22 -13.11 23.79
CA ASP A 312 7.10 -14.41 23.15
C ASP A 312 8.49 -15.06 23.04
N ARG A 313 9.46 -14.26 22.63
CA ARG A 313 10.85 -14.68 22.55
C ARG A 313 11.33 -15.18 23.91
N ASP A 314 10.85 -14.52 24.97
CA ASP A 314 11.22 -14.89 26.32
C ASP A 314 10.61 -16.22 26.75
N ASN A 315 9.28 -16.31 26.74
CA ASN A 315 8.61 -17.52 27.21
C ASN A 315 8.77 -18.71 26.27
N ALA A 316 9.31 -18.47 25.08
CA ALA A 316 9.68 -19.57 24.18
C ALA A 316 11.00 -20.17 24.63
N LEU A 317 11.82 -19.34 25.28
CA LEU A 317 13.08 -19.79 25.85
C LEU A 317 12.87 -20.32 27.27
N ALA A 318 11.64 -20.21 27.75
CA ALA A 318 11.27 -20.74 29.06
C ALA A 318 11.21 -22.27 29.00
N ARG A 319 11.15 -22.79 27.78
CA ARG A 319 11.22 -24.23 27.55
C ARG A 319 12.68 -24.67 27.42
N LEU A 320 13.44 -24.51 28.50
CA LEU A 320 14.85 -24.87 28.51
C LEU A 320 15.19 -25.65 29.78
#